data_8H2R
#
_entry.id   8H2R
#
_cell.length_a   74.385
_cell.length_b   69.789
_cell.length_c   88.338
_cell.angle_alpha   90.000
_cell.angle_beta   114.490
_cell.angle_gamma   90.000
#
_symmetry.space_group_name_H-M   'C 1 2 1'
#
_entity_poly.entity_id   1
_entity_poly.type   'polypeptide(L)'
_entity_poly.pdbx_seq_one_letter_code
;KDYPDNVMTAEMRKIAMAAVLSGMRVNMCASPASSPNVIWAIELEAEGSGSGASQFFKDNCNRTTASLVEGVELTKYISD
INNNTDGMYVVSSTGGVWRISRA
;
_entity_poly.pdbx_strand_id   A,B,C,D,E
#
# COMPACT_ATOMS: atom_id res chain seq x y z
N LYS A 1 -11.56 1.73 -17.57
CA LYS A 1 -10.88 2.96 -17.15
C LYS A 1 -11.70 3.68 -16.07
N ASP A 2 -13.01 3.53 -16.15
CA ASP A 2 -13.96 4.43 -15.51
C ASP A 2 -14.27 4.03 -14.07
N TYR A 3 -14.82 5.04 -13.31
CA TYR A 3 -15.40 4.99 -11.97
C TYR A 3 -16.84 4.49 -12.05
N PRO A 4 -17.28 3.61 -11.12
CA PRO A 4 -16.61 3.12 -9.91
C PRO A 4 -15.88 1.79 -10.07
N ASP A 5 -16.09 1.04 -11.17
CA ASP A 5 -15.47 -0.27 -11.26
C ASP A 5 -13.96 -0.17 -11.28
N ASN A 6 -13.41 1.03 -11.48
CA ASN A 6 -12.02 1.28 -11.11
C ASN A 6 -11.79 1.08 -9.61
N VAL A 7 -12.84 1.13 -8.79
CA VAL A 7 -12.69 0.87 -7.36
C VAL A 7 -12.63 -0.62 -7.09
N MET A 8 -13.74 -1.32 -7.32
CA MET A 8 -13.82 -2.74 -7.04
C MET A 8 -12.81 -3.57 -7.84
N THR A 9 -12.39 -3.10 -9.02
CA THR A 9 -11.41 -3.87 -9.78
C THR A 9 -10.00 -3.63 -9.28
N ALA A 10 -9.72 -2.44 -8.77
CA ALA A 10 -8.50 -2.23 -8.03
C ALA A 10 -8.57 -2.92 -6.68
N GLU A 11 -9.77 -3.06 -6.13
CA GLU A 11 -9.90 -3.84 -4.91
C GLU A 11 -9.73 -5.31 -5.19
N MET A 12 -10.17 -5.77 -6.35
CA MET A 12 -9.92 -7.16 -6.72
C MET A 12 -8.44 -7.45 -6.78
N ARG A 13 -7.67 -6.53 -7.34
CA ARG A 13 -6.23 -6.70 -7.37
C ARG A 13 -5.65 -6.67 -5.96
N LYS A 14 -6.08 -5.69 -5.16
CA LYS A 14 -5.53 -5.59 -3.81
C LYS A 14 -5.89 -6.81 -2.99
N ILE A 15 -7.06 -7.39 -3.26
CA ILE A 15 -7.47 -8.62 -2.58
C ILE A 15 -6.64 -9.79 -3.08
N ALA A 16 -6.59 -9.95 -4.41
CA ALA A 16 -5.75 -10.98 -4.99
C ALA A 16 -4.34 -10.93 -4.39
N MET A 17 -3.72 -9.75 -4.43
CA MET A 17 -2.32 -9.63 -4.02
C MET A 17 -2.12 -9.99 -2.55
N ALA A 18 -3.01 -9.48 -1.70
CA ALA A 18 -2.97 -9.84 -0.30
C ALA A 18 -2.94 -11.35 -0.12
N ALA A 19 -3.85 -12.05 -0.80
CA ALA A 19 -3.90 -13.50 -0.66
C ALA A 19 -2.63 -14.17 -1.18
N VAL A 20 -2.13 -13.76 -2.35
CA VAL A 20 -0.89 -14.36 -2.86
C VAL A 20 0.29 -14.08 -1.92
N LEU A 21 0.32 -12.90 -1.31
CA LEU A 21 1.43 -12.66 -0.39
C LEU A 21 1.21 -13.31 0.97
N SER A 22 -0.03 -13.34 1.45
CA SER A 22 -0.23 -13.74 2.83
C SER A 22 -0.47 -15.22 2.97
N GLY A 23 -0.93 -15.87 1.90
CA GLY A 23 -1.37 -17.24 1.97
C GLY A 23 -2.85 -17.43 2.21
N MET A 24 -3.55 -16.42 2.70
CA MET A 24 -4.97 -16.57 3.01
C MET A 24 -5.79 -16.78 1.76
N ARG A 25 -6.76 -17.70 1.87
CA ARG A 25 -7.51 -18.15 0.73
C ARG A 25 -8.47 -17.07 0.26
N VAL A 26 -9.03 -17.30 -0.93
CA VAL A 26 -10.10 -16.49 -1.47
C VAL A 26 -11.22 -17.41 -1.92
N ASN A 27 -12.41 -16.84 -2.00
CA ASN A 27 -13.57 -17.47 -2.61
C ASN A 27 -13.93 -16.64 -3.83
N MET A 28 -14.02 -17.26 -4.98
CA MET A 28 -14.37 -16.43 -6.11
C MET A 28 -15.75 -16.77 -6.62
N CYS A 29 -16.26 -15.86 -7.45
CA CYS A 29 -17.51 -16.01 -8.16
C CYS A 29 -17.06 -15.74 -9.58
N ALA A 30 -16.74 -16.82 -10.29
CA ALA A 30 -15.89 -16.75 -11.48
C ALA A 30 -16.47 -17.55 -12.63
N SER A 31 -16.12 -17.12 -13.85
CA SER A 31 -16.34 -17.87 -15.08
C SER A 31 -15.80 -19.28 -14.89
N PRO A 32 -16.43 -20.28 -15.49
CA PRO A 32 -16.03 -21.66 -15.17
C PRO A 32 -15.25 -22.36 -16.27
N ALA A 33 -15.63 -22.17 -17.54
CA ALA A 33 -15.16 -23.03 -18.63
C ALA A 33 -14.27 -22.31 -19.65
N SER A 34 -13.40 -21.43 -19.21
CA SER A 34 -12.56 -20.64 -20.11
C SER A 34 -11.10 -20.67 -19.67
N SER A 35 -10.22 -20.10 -20.51
CA SER A 35 -8.80 -20.01 -20.18
C SER A 35 -8.19 -18.70 -20.69
N PRO A 36 -8.02 -17.71 -19.82
CA PRO A 36 -8.33 -17.76 -18.40
C PRO A 36 -9.80 -17.51 -18.12
N ASN A 37 -10.24 -17.98 -16.96
CA ASN A 37 -11.52 -17.54 -16.51
C ASN A 37 -11.40 -16.12 -15.96
N VAL A 38 -12.53 -15.54 -15.64
CA VAL A 38 -12.56 -14.19 -15.13
C VAL A 38 -13.37 -14.18 -13.84
N ILE A 39 -12.82 -13.59 -12.80
CA ILE A 39 -13.53 -13.43 -11.55
C ILE A 39 -14.50 -12.28 -11.69
N TRP A 40 -15.77 -12.51 -11.31
CA TRP A 40 -16.74 -11.45 -11.17
C TRP A 40 -16.88 -10.96 -9.74
N ALA A 41 -16.24 -11.64 -8.79
CA ALA A 41 -16.42 -11.33 -7.37
C ALA A 41 -15.45 -12.16 -6.55
N ILE A 42 -14.76 -11.53 -5.59
CA ILE A 42 -13.80 -12.22 -4.75
C ILE A 42 -14.07 -11.83 -3.31
N GLU A 43 -13.68 -12.71 -2.38
CA GLU A 43 -13.69 -12.39 -0.95
C GLU A 43 -12.43 -12.95 -0.33
N LEU A 44 -11.74 -12.13 0.47
CA LEU A 44 -10.48 -12.50 1.12
C LEU A 44 -10.77 -12.95 2.53
N GLU A 45 -10.48 -14.22 2.83
CA GLU A 45 -10.89 -14.71 4.13
C GLU A 45 -9.68 -14.99 5.02
N ALA A 46 -9.95 -14.99 6.34
CA ALA A 46 -9.00 -15.40 7.37
C ALA A 46 -9.59 -16.53 8.18
N GLU A 47 -9.75 -16.29 9.47
CA GLU A 47 -10.69 -17.08 10.26
C GLU A 47 -12.06 -17.03 9.58
N GLY A 48 -12.82 -18.10 9.75
CA GLY A 48 -13.96 -18.30 8.89
C GLY A 48 -14.23 -19.79 8.87
N SER A 49 -14.56 -20.26 10.06
CA SER A 49 -14.87 -21.63 10.37
C SER A 49 -16.36 -21.85 10.53
N GLY A 50 -17.17 -20.83 10.28
CA GLY A 50 -18.61 -20.94 10.14
C GLY A 50 -19.10 -20.98 8.70
N SER A 51 -18.20 -21.05 7.72
CA SER A 51 -18.47 -20.90 6.31
C SER A 51 -17.12 -20.86 5.59
N GLY A 52 -16.93 -21.70 4.57
CA GLY A 52 -15.82 -21.46 3.66
C GLY A 52 -16.08 -20.09 3.09
N ALA A 53 -17.07 -19.99 2.20
CA ALA A 53 -17.59 -18.70 1.78
C ALA A 53 -18.70 -18.22 2.70
N SER A 54 -18.72 -16.93 2.97
CA SER A 54 -19.84 -16.31 3.66
C SER A 54 -21.13 -16.45 2.85
N GLN A 55 -22.26 -16.66 3.55
CA GLN A 55 -23.53 -16.76 2.84
C GLN A 55 -23.83 -15.52 2.01
N PHE A 56 -23.31 -14.37 2.41
CA PHE A 56 -23.50 -13.22 1.55
C PHE A 56 -22.85 -13.45 0.20
N PHE A 57 -21.71 -14.13 0.19
CA PHE A 57 -21.02 -14.38 -1.07
C PHE A 57 -21.64 -15.55 -1.82
N LYS A 58 -22.18 -16.54 -1.11
CA LYS A 58 -22.85 -17.66 -1.77
C LYS A 58 -24.09 -17.21 -2.50
N ASP A 59 -25.01 -16.58 -1.78
CA ASP A 59 -26.27 -16.15 -2.38
C ASP A 59 -26.04 -15.30 -3.63
N ASN A 60 -25.04 -14.42 -3.59
CA ASN A 60 -24.85 -13.50 -4.69
C ASN A 60 -24.25 -14.17 -5.91
N CYS A 61 -23.63 -15.33 -5.74
CA CYS A 61 -23.21 -16.18 -6.84
C CYS A 61 -24.32 -17.13 -7.31
N ASN A 62 -25.46 -17.15 -6.61
CA ASN A 62 -26.67 -17.82 -7.07
C ASN A 62 -27.62 -16.88 -7.78
N ARG A 63 -27.28 -15.60 -7.89
CA ARG A 63 -28.04 -14.70 -8.73
C ARG A 63 -27.37 -14.48 -10.08
N THR A 64 -26.39 -15.31 -10.43
CA THR A 64 -25.55 -15.12 -11.61
C THR A 64 -25.46 -16.41 -12.42
N THR A 65 -25.18 -16.25 -13.71
CA THR A 65 -24.85 -17.39 -14.56
C THR A 65 -23.51 -18.01 -14.17
N ALA A 66 -22.58 -17.19 -13.66
CA ALA A 66 -21.26 -17.64 -13.20
C ALA A 66 -21.38 -18.50 -11.94
N SER A 67 -20.22 -19.01 -11.50
CA SER A 67 -20.13 -20.10 -10.56
C SER A 67 -19.18 -19.75 -9.42
N LEU A 68 -19.42 -20.35 -8.27
CA LEU A 68 -18.75 -20.00 -7.04
C LEU A 68 -17.64 -20.99 -6.71
N VAL A 69 -16.42 -20.49 -6.57
CA VAL A 69 -15.26 -21.29 -6.20
C VAL A 69 -14.71 -20.73 -4.89
N GLU A 70 -14.44 -21.63 -3.94
CA GLU A 70 -14.17 -21.23 -2.56
C GLU A 70 -13.00 -22.00 -1.95
N GLY A 71 -12.18 -21.31 -1.15
CA GLY A 71 -11.11 -21.97 -0.43
C GLY A 71 -9.83 -22.05 -1.20
N VAL A 72 -9.72 -21.26 -2.26
CA VAL A 72 -8.65 -21.38 -3.23
C VAL A 72 -7.40 -20.66 -2.72
N GLU A 73 -6.27 -21.37 -2.70
CA GLU A 73 -4.98 -20.75 -2.50
C GLU A 73 -4.51 -20.16 -3.79
N LEU A 74 -4.10 -18.90 -3.78
CA LEU A 74 -3.43 -18.33 -4.92
C LEU A 74 -1.95 -18.20 -4.61
N THR A 75 -1.12 -18.68 -5.50
CA THR A 75 0.30 -18.76 -5.25
C THR A 75 1.12 -18.01 -6.28
N LYS A 76 0.50 -17.35 -7.25
CA LYS A 76 1.23 -16.55 -8.23
C LYS A 76 0.39 -15.35 -8.64
N TYR A 77 1.09 -14.25 -8.97
CA TYR A 77 0.47 -12.99 -9.38
C TYR A 77 1.19 -12.42 -10.58
N ILE A 78 0.49 -12.28 -11.71
CA ILE A 78 1.13 -11.94 -12.97
C ILE A 78 0.67 -10.54 -13.39
N SER A 79 1.61 -9.64 -13.57
CA SER A 79 1.37 -8.38 -14.26
C SER A 79 2.15 -8.40 -15.57
N ASP A 80 1.41 -8.21 -16.67
CA ASP A 80 1.82 -8.52 -18.03
C ASP A 80 1.49 -7.34 -18.94
N ILE A 81 2.44 -6.92 -19.78
CA ILE A 81 2.23 -5.76 -20.64
C ILE A 81 2.46 -6.04 -22.11
N ASN A 82 2.82 -7.27 -22.50
CA ASN A 82 2.94 -7.55 -23.94
C ASN A 82 1.60 -7.32 -24.64
N ASN A 83 1.65 -7.29 -25.97
CA ASN A 83 0.51 -6.74 -26.70
C ASN A 83 -0.83 -7.41 -26.42
N ASN A 84 -1.05 -8.63 -26.91
CA ASN A 84 -2.31 -9.34 -26.70
C ASN A 84 -2.23 -10.31 -25.53
N THR A 85 -1.39 -10.01 -24.54
CA THR A 85 -1.41 -10.68 -23.24
C THR A 85 -1.29 -9.66 -22.11
N ASP A 86 -1.97 -8.51 -22.23
CA ASP A 86 -1.87 -7.43 -21.24
C ASP A 86 -3.03 -7.47 -20.24
N GLY A 87 -2.69 -7.64 -18.96
CA GLY A 87 -3.70 -7.77 -17.94
C GLY A 87 -3.11 -8.33 -16.65
N MET A 88 -4.00 -8.65 -15.71
CA MET A 88 -3.62 -9.18 -14.41
C MET A 88 -4.11 -10.61 -14.26
N TYR A 89 -3.20 -11.50 -13.96
CA TYR A 89 -3.57 -12.89 -13.73
C TYR A 89 -3.05 -13.36 -12.38
N VAL A 90 -3.85 -14.22 -11.75
CA VAL A 90 -3.48 -14.95 -10.56
C VAL A 90 -3.54 -16.45 -10.87
N VAL A 91 -2.64 -17.21 -10.24
CA VAL A 91 -2.64 -18.66 -10.37
C VAL A 91 -2.85 -19.29 -8.99
N SER A 92 -3.57 -20.41 -8.97
CA SER A 92 -3.82 -21.14 -7.74
C SER A 92 -2.86 -22.31 -7.56
N SER A 93 -2.69 -22.72 -6.30
CA SER A 93 -1.83 -23.84 -5.91
C SER A 93 -1.97 -25.07 -6.81
N THR A 94 -3.01 -25.12 -7.64
CA THR A 94 -3.27 -26.31 -8.42
C THR A 94 -3.44 -26.00 -9.89
N GLY A 95 -2.93 -24.86 -10.35
CA GLY A 95 -2.83 -24.57 -11.77
C GLY A 95 -3.93 -23.69 -12.35
N GLY A 96 -5.01 -23.44 -11.61
CA GLY A 96 -6.05 -22.57 -12.13
C GLY A 96 -5.54 -21.16 -12.39
N VAL A 97 -6.03 -20.57 -13.48
CA VAL A 97 -5.64 -19.24 -13.91
C VAL A 97 -6.87 -18.39 -14.10
N TRP A 98 -6.84 -17.17 -13.60
CA TRP A 98 -7.93 -16.23 -13.79
C TRP A 98 -7.35 -14.93 -14.33
N ARG A 99 -8.19 -14.12 -14.91
CA ARG A 99 -7.81 -12.75 -15.19
C ARG A 99 -8.49 -11.85 -14.17
N ILE A 100 -7.78 -10.83 -13.71
CA ILE A 100 -8.36 -9.85 -12.79
C ILE A 100 -8.95 -8.75 -13.65
N SER A 101 -10.28 -8.75 -13.77
CA SER A 101 -10.99 -7.82 -14.64
C SER A 101 -10.53 -6.38 -14.41
N ARG A 102 -10.47 -5.61 -15.48
CA ARG A 102 -10.01 -4.22 -15.41
C ARG A 102 -11.09 -3.29 -15.98
N ALA A 103 -11.17 -2.09 -15.40
CA ALA A 103 -12.16 -1.07 -15.78
C ALA A 103 -11.94 0.26 -15.04
N LYS B 1 -17.24 10.37 -6.27
CA LYS B 1 -15.94 10.45 -6.95
C LYS B 1 -15.32 11.84 -6.74
N ASP B 2 -15.86 12.58 -5.77
CA ASP B 2 -15.53 13.98 -5.55
C ASP B 2 -14.58 14.14 -4.36
N TYR B 3 -13.68 15.12 -4.46
CA TYR B 3 -12.95 15.60 -3.30
C TYR B 3 -13.89 16.34 -2.37
N PRO B 4 -13.81 16.12 -1.06
CA PRO B 4 -12.82 15.29 -0.34
C PRO B 4 -13.19 13.84 -0.03
N ASP B 5 -14.43 13.38 -0.27
CA ASP B 5 -14.85 12.08 0.23
C ASP B 5 -14.21 10.89 -0.49
N ASN B 6 -13.53 11.11 -1.62
CA ASN B 6 -12.86 9.97 -2.24
C ASN B 6 -11.72 9.47 -1.36
N VAL B 7 -10.98 10.37 -0.70
CA VAL B 7 -9.84 9.94 0.11
C VAL B 7 -10.32 9.26 1.39
N MET B 8 -11.33 9.84 2.06
CA MET B 8 -11.89 9.20 3.24
C MET B 8 -12.30 7.77 2.93
N THR B 9 -13.30 7.62 2.06
CA THR B 9 -13.74 6.28 1.68
C THR B 9 -12.60 5.43 1.15
N ALA B 10 -11.53 6.04 0.63
CA ALA B 10 -10.37 5.25 0.26
C ALA B 10 -9.70 4.64 1.49
N GLU B 11 -9.46 5.48 2.52
CA GLU B 11 -8.97 4.96 3.80
C GLU B 11 -9.90 3.89 4.35
N MET B 12 -11.20 4.01 4.08
CA MET B 12 -12.13 3.02 4.57
C MET B 12 -11.72 1.64 4.10
N ARG B 13 -11.52 1.50 2.80
CA ARG B 13 -11.12 0.23 2.25
C ARG B 13 -9.75 -0.19 2.80
N LYS B 14 -8.85 0.79 3.00
CA LYS B 14 -7.59 0.47 3.67
C LYS B 14 -7.84 -0.05 5.07
N ILE B 15 -8.68 0.66 5.85
CA ILE B 15 -9.04 0.18 7.18
C ILE B 15 -9.72 -1.17 7.08
N ALA B 16 -10.69 -1.27 6.19
CA ALA B 16 -11.33 -2.52 5.88
C ALA B 16 -10.30 -3.63 5.71
N MET B 17 -9.49 -3.57 4.66
CA MET B 17 -8.58 -4.66 4.41
C MET B 17 -7.57 -4.83 5.55
N ALA B 18 -7.19 -3.76 6.23
CA ALA B 18 -6.23 -3.91 7.32
C ALA B 18 -6.84 -4.73 8.44
N ALA B 19 -8.10 -4.44 8.76
CA ALA B 19 -8.82 -5.21 9.75
C ALA B 19 -8.79 -6.71 9.42
N VAL B 20 -9.00 -7.05 8.14
CA VAL B 20 -9.21 -8.44 7.71
C VAL B 20 -7.91 -9.22 7.70
N LEU B 21 -6.81 -8.57 7.36
CA LEU B 21 -5.51 -9.24 7.35
C LEU B 21 -4.91 -9.28 8.74
N SER B 22 -4.93 -8.18 9.46
CA SER B 22 -4.27 -8.10 10.76
C SER B 22 -5.11 -8.65 11.89
N GLY B 23 -6.42 -8.84 11.67
CA GLY B 23 -7.31 -9.26 12.73
C GLY B 23 -7.73 -8.16 13.68
N MET B 24 -7.37 -6.92 13.39
CA MET B 24 -7.61 -5.83 14.32
C MET B 24 -9.07 -5.49 14.35
N ARG B 25 -9.56 -5.08 15.50
CA ARG B 25 -10.99 -4.83 15.58
C ARG B 25 -11.33 -3.50 14.93
N VAL B 26 -12.61 -3.29 14.66
CA VAL B 26 -13.12 -2.02 14.18
C VAL B 26 -14.32 -1.61 15.01
N ASN B 27 -14.65 -0.33 14.90
CA ASN B 27 -15.94 0.22 15.31
C ASN B 27 -16.58 0.90 14.11
N MET B 28 -17.87 0.72 13.92
CA MET B 28 -18.51 1.34 12.76
C MET B 28 -19.68 2.23 13.16
N CYS B 29 -19.90 3.23 12.32
CA CYS B 29 -21.08 4.08 12.32
C CYS B 29 -21.80 3.74 11.01
N ALA B 30 -22.88 2.96 11.11
CA ALA B 30 -23.43 2.26 9.97
C ALA B 30 -24.90 2.60 9.82
N SER B 31 -25.27 3.18 8.67
CA SER B 31 -26.65 3.57 8.41
C SER B 31 -27.56 2.35 8.31
N PRO B 32 -28.65 2.30 9.07
CA PRO B 32 -29.64 1.24 8.87
C PRO B 32 -30.67 1.55 7.79
N ALA B 33 -30.41 2.58 6.96
CA ALA B 33 -31.24 2.96 5.80
C ALA B 33 -30.83 2.22 4.52
N SER B 34 -30.53 0.93 4.64
CA SER B 34 -29.98 0.11 3.57
C SER B 34 -29.65 -1.24 4.18
N SER B 35 -29.88 -2.33 3.46
CA SER B 35 -29.36 -3.65 3.84
C SER B 35 -28.50 -4.21 2.71
N PRO B 36 -27.20 -4.49 2.95
CA PRO B 36 -26.50 -4.36 4.24
C PRO B 36 -26.40 -2.90 4.66
N ASN B 37 -26.05 -2.68 5.92
CA ASN B 37 -25.91 -1.34 6.46
C ASN B 37 -24.62 -0.73 5.95
N VAL B 38 -24.74 0.24 5.06
CA VAL B 38 -23.56 0.92 4.60
C VAL B 38 -22.82 1.51 5.79
N ILE B 39 -21.49 1.43 5.77
CA ILE B 39 -20.67 1.99 6.84
C ILE B 39 -20.34 3.43 6.52
N TRP B 40 -20.48 4.28 7.53
CA TRP B 40 -20.23 5.72 7.41
C TRP B 40 -18.96 6.16 8.13
N ALA B 41 -18.64 5.58 9.27
CA ALA B 41 -17.39 5.91 9.94
C ALA B 41 -16.81 4.65 10.54
N ILE B 42 -15.53 4.38 10.27
CA ILE B 42 -14.89 3.16 10.75
C ILE B 42 -13.63 3.54 11.53
N GLU B 43 -13.37 2.80 12.59
CA GLU B 43 -12.32 3.14 13.54
C GLU B 43 -11.51 1.88 13.78
N LEU B 44 -10.34 1.80 13.16
CA LEU B 44 -9.45 0.68 13.40
C LEU B 44 -8.74 0.89 14.73
N GLU B 45 -8.80 -0.13 15.58
CA GLU B 45 -8.18 -0.15 16.90
C GLU B 45 -6.94 -1.02 16.92
N ALA B 46 -5.97 -0.60 17.70
CA ALA B 46 -4.83 -1.44 18.02
C ALA B 46 -4.88 -1.96 19.45
N GLU B 47 -5.36 -1.12 20.37
CA GLU B 47 -5.31 -1.33 21.83
C GLU B 47 -6.56 -0.75 22.49
N GLY B 48 -6.68 -1.02 23.79
CA GLY B 48 -7.96 -0.82 24.43
C GLY B 48 -8.77 -2.09 24.31
N SER B 49 -8.87 -2.84 25.40
CA SER B 49 -9.42 -4.20 25.42
C SER B 49 -10.94 -4.23 25.23
N GLY B 50 -11.68 -4.67 26.26
CA GLY B 50 -13.12 -4.51 26.24
C GLY B 50 -13.53 -3.07 25.96
N SER B 51 -12.67 -2.12 26.34
CA SER B 51 -12.86 -0.68 26.12
C SER B 51 -12.65 -0.38 24.64
N GLY B 52 -13.69 -0.69 23.85
CA GLY B 52 -13.74 -0.37 22.45
C GLY B 52 -13.79 1.11 22.15
N ALA B 53 -14.92 1.56 21.58
CA ALA B 53 -14.97 2.80 20.81
C ALA B 53 -14.41 4.01 21.57
N SER B 54 -13.54 4.76 20.90
CA SER B 54 -13.04 5.98 21.48
C SER B 54 -14.19 6.93 21.73
N GLN B 55 -14.04 7.77 22.76
CA GLN B 55 -15.08 8.77 23.02
C GLN B 55 -15.30 9.63 21.80
N PHE B 56 -14.22 10.08 21.17
CA PHE B 56 -14.36 10.89 19.97
C PHE B 56 -15.31 10.24 18.98
N PHE B 57 -15.04 8.97 18.67
CA PHE B 57 -15.82 8.27 17.65
C PHE B 57 -17.29 8.19 18.03
N LYS B 58 -17.57 7.87 19.29
CA LYS B 58 -18.96 7.86 19.77
C LYS B 58 -19.66 9.18 19.49
N ASP B 59 -19.00 10.29 19.88
CA ASP B 59 -19.62 11.61 19.84
C ASP B 59 -20.08 12.01 18.44
N ASN B 60 -19.48 11.40 17.42
CA ASN B 60 -19.81 11.77 16.07
C ASN B 60 -20.87 10.87 15.45
N CYS B 61 -21.34 9.85 16.17
CA CYS B 61 -22.30 8.90 15.65
C CYS B 61 -23.64 8.92 16.34
N ASN B 62 -23.69 9.30 17.62
CA ASN B 62 -24.99 9.52 18.25
C ASN B 62 -25.68 10.72 17.61
N ARG B 63 -24.90 11.77 17.30
CA ARG B 63 -25.42 12.89 16.52
C ARG B 63 -26.11 12.44 15.25
N THR B 64 -25.94 11.18 14.88
CA THR B 64 -26.24 10.71 13.55
C THR B 64 -27.36 9.68 13.58
N THR B 65 -28.09 9.64 12.48
CA THR B 65 -29.10 8.62 12.29
C THR B 65 -28.51 7.23 12.43
N ALA B 66 -27.21 7.10 12.16
CA ALA B 66 -26.58 5.80 12.11
C ALA B 66 -26.53 5.16 13.49
N SER B 67 -26.36 3.85 13.51
CA SER B 67 -26.08 3.12 14.74
C SER B 67 -24.56 3.05 14.94
N LEU B 68 -24.11 2.23 15.88
CA LEU B 68 -22.71 2.25 16.29
C LEU B 68 -22.34 0.87 16.80
N VAL B 69 -21.26 0.29 16.28
CA VAL B 69 -20.88 -1.08 16.61
C VAL B 69 -19.44 -1.12 17.09
N GLU B 70 -19.19 -1.81 18.19
CA GLU B 70 -17.89 -1.80 18.81
C GLU B 70 -17.29 -3.18 18.82
N GLY B 71 -15.95 -3.25 18.78
CA GLY B 71 -15.23 -4.50 18.98
C GLY B 71 -15.51 -5.57 17.97
N VAL B 72 -15.87 -5.18 16.76
CA VAL B 72 -16.19 -6.13 15.69
C VAL B 72 -14.91 -6.73 15.11
N GLU B 73 -14.96 -8.02 14.82
CA GLU B 73 -13.85 -8.69 14.14
C GLU B 73 -14.21 -8.84 12.67
N LEU B 74 -13.31 -8.43 11.79
CA LEU B 74 -13.59 -8.47 10.36
C LEU B 74 -12.79 -9.60 9.73
N THR B 75 -13.47 -10.69 9.41
CA THR B 75 -12.86 -11.91 8.91
C THR B 75 -13.03 -12.12 7.40
N LYS B 76 -13.88 -11.34 6.74
CA LYS B 76 -14.04 -11.41 5.29
C LYS B 76 -14.11 -10.01 4.69
N TYR B 77 -13.38 -9.81 3.59
CA TYR B 77 -13.43 -8.60 2.79
C TYR B 77 -13.88 -8.99 1.39
N ILE B 78 -14.93 -8.34 0.87
CA ILE B 78 -15.55 -8.78 -0.37
C ILE B 78 -15.54 -7.64 -1.40
N SER B 79 -15.39 -8.01 -2.67
CA SER B 79 -15.62 -7.13 -3.80
C SER B 79 -16.44 -7.88 -4.83
N ASP B 80 -17.43 -7.20 -5.44
CA ASP B 80 -18.33 -7.81 -6.42
C ASP B 80 -18.61 -6.84 -7.56
N ILE B 81 -18.34 -7.26 -8.80
CA ILE B 81 -18.55 -6.40 -9.94
C ILE B 81 -19.75 -6.79 -10.77
N ASN B 82 -20.50 -7.82 -10.39
CA ASN B 82 -21.88 -7.87 -10.87
C ASN B 82 -22.58 -6.60 -10.41
N ASN B 83 -23.59 -6.22 -11.17
CA ASN B 83 -24.30 -4.94 -11.02
C ASN B 83 -25.32 -4.97 -9.90
N ASN B 84 -26.07 -6.09 -9.78
CA ASN B 84 -27.12 -6.18 -8.77
C ASN B 84 -26.53 -6.41 -7.42
N THR B 85 -25.20 -6.58 -7.37
CA THR B 85 -24.49 -6.67 -6.11
C THR B 85 -23.21 -5.84 -6.10
N ASP B 86 -22.99 -4.98 -7.11
CA ASP B 86 -21.87 -4.06 -7.20
C ASP B 86 -21.54 -3.41 -5.86
N GLY B 87 -20.24 -3.42 -5.50
CA GLY B 87 -19.83 -2.74 -4.28
C GLY B 87 -19.02 -3.54 -3.28
N MET B 88 -18.26 -2.82 -2.45
CA MET B 88 -17.47 -3.40 -1.37
C MET B 88 -18.37 -3.89 -0.25
N TYR B 89 -17.87 -4.85 0.51
CA TYR B 89 -18.60 -5.41 1.64
C TYR B 89 -17.60 -5.92 2.65
N VAL B 90 -18.00 -5.94 3.92
CA VAL B 90 -17.17 -6.54 4.96
C VAL B 90 -18.07 -7.34 5.88
N VAL B 91 -17.61 -8.52 6.28
CA VAL B 91 -18.39 -9.45 7.06
C VAL B 91 -17.66 -9.67 8.38
N SER B 92 -18.43 -9.83 9.46
CA SER B 92 -17.91 -10.06 10.79
C SER B 92 -17.73 -11.54 11.07
N SER B 93 -16.98 -11.85 12.12
CA SER B 93 -16.95 -13.23 12.59
C SER B 93 -18.36 -13.74 12.84
N THR B 94 -19.22 -12.88 13.37
CA THR B 94 -20.63 -13.21 13.60
C THR B 94 -21.48 -13.24 12.33
N GLY B 95 -20.85 -13.26 11.17
CA GLY B 95 -21.59 -13.29 9.91
C GLY B 95 -22.53 -12.11 9.69
N GLY B 96 -22.10 -10.91 10.04
CA GLY B 96 -22.83 -9.69 9.70
C GLY B 96 -22.19 -8.93 8.54
N VAL B 97 -23.04 -8.39 7.67
CA VAL B 97 -22.60 -7.86 6.38
C VAL B 97 -22.78 -6.35 6.35
N TRP B 98 -21.75 -5.64 5.89
CA TRP B 98 -21.84 -4.20 5.68
C TRP B 98 -21.34 -3.84 4.29
N ARG B 99 -22.01 -2.89 3.67
CA ARG B 99 -21.48 -2.29 2.45
C ARG B 99 -20.58 -1.15 2.88
N ILE B 100 -19.46 -0.98 2.18
CA ILE B 100 -18.60 0.18 2.34
C ILE B 100 -19.16 1.25 1.44
N SER B 101 -19.13 2.51 1.90
CA SER B 101 -19.65 3.60 1.07
C SER B 101 -18.86 3.75 -0.22
N ARG B 102 -19.23 4.70 -1.06
CA ARG B 102 -18.47 4.96 -2.30
C ARG B 102 -18.61 6.42 -2.73
N ALA B 103 -17.49 7.12 -2.80
CA ALA B 103 -17.49 8.54 -3.16
C ALA B 103 -16.11 9.01 -3.67
N LYS C 1 -6.69 20.03 -2.32
CA LYS C 1 -6.83 19.11 -3.44
C LYS C 1 -5.59 19.15 -4.34
N ASP C 2 -4.81 20.22 -4.18
CA ASP C 2 -3.73 20.54 -5.09
C ASP C 2 -2.41 19.88 -4.66
N TYR C 3 -1.33 20.18 -5.41
CA TYR C 3 0.10 19.93 -5.51
C TYR C 3 0.88 21.06 -4.85
N PRO C 4 1.87 20.75 -3.98
CA PRO C 4 2.31 19.43 -3.53
C PRO C 4 1.88 19.04 -2.10
N ASP C 5 0.76 19.57 -1.57
CA ASP C 5 0.37 19.28 -0.19
C ASP C 5 -0.46 18.00 -0.07
N ASN C 6 -1.07 17.54 -1.17
CA ASN C 6 -1.76 16.25 -1.16
C ASN C 6 -0.78 15.09 -1.07
N VAL C 7 0.34 15.17 -1.80
CA VAL C 7 1.42 14.20 -1.62
C VAL C 7 1.78 14.08 -0.15
N MET C 8 2.02 15.22 0.49
CA MET C 8 2.42 15.22 1.89
C MET C 8 1.31 14.67 2.78
N THR C 9 0.13 15.29 2.75
CA THR C 9 -0.94 14.85 3.65
C THR C 9 -1.28 13.38 3.41
N ALA C 10 -1.20 12.91 2.17
CA ALA C 10 -1.38 11.49 1.93
C ALA C 10 -0.32 10.69 2.68
N GLU C 11 0.93 11.13 2.60
CA GLU C 11 1.97 10.45 3.34
C GLU C 11 1.80 10.62 4.85
N MET C 12 1.09 11.65 5.29
CA MET C 12 0.67 11.71 6.68
C MET C 12 -0.32 10.59 6.98
N ARG C 13 -1.27 10.34 6.08
CA ARG C 13 -2.20 9.23 6.25
C ARG C 13 -1.47 7.89 6.40
N LYS C 14 -0.42 7.70 5.62
CA LYS C 14 0.27 6.41 5.64
C LYS C 14 1.07 6.24 6.92
N ILE C 15 1.82 7.28 7.32
CA ILE C 15 2.53 7.23 8.59
C ILE C 15 1.55 6.95 9.72
N ALA C 16 0.41 7.64 9.70
CA ALA C 16 -0.58 7.47 10.77
C ALA C 16 -1.10 6.05 10.81
N MET C 17 -1.58 5.55 9.66
CA MET C 17 -1.85 4.14 9.47
C MET C 17 -0.76 3.24 10.02
N ALA C 18 0.47 3.41 9.51
CA ALA C 18 1.54 2.49 9.82
C ALA C 18 1.78 2.39 11.32
N ALA C 19 1.78 3.52 12.01
CA ALA C 19 2.04 3.50 13.44
C ALA C 19 0.92 2.79 14.19
N VAL C 20 -0.25 2.64 13.58
CA VAL C 20 -1.39 2.06 14.27
C VAL C 20 -1.38 0.55 14.17
N LEU C 21 -0.90 0.01 13.05
CA LEU C 21 -0.81 -1.44 12.85
C LEU C 21 0.46 -2.05 13.42
N SER C 22 1.48 -1.22 13.69
CA SER C 22 2.79 -1.69 14.10
C SER C 22 3.20 -1.25 15.48
N GLY C 23 2.35 -0.54 16.22
CA GLY C 23 2.74 -0.04 17.51
C GLY C 23 3.83 1.00 17.50
N MET C 24 4.39 1.35 16.35
CA MET C 24 5.39 2.41 16.35
C MET C 24 4.81 3.71 16.83
N ARG C 25 5.68 4.55 17.35
CA ARG C 25 5.32 5.82 17.90
C ARG C 25 5.59 6.90 16.88
N VAL C 26 4.87 8.01 16.98
CA VAL C 26 5.16 9.17 16.15
C VAL C 26 5.32 10.38 17.07
N ASN C 27 6.07 11.34 16.57
CA ASN C 27 6.12 12.67 17.12
C ASN C 27 5.38 13.59 16.17
N MET C 28 4.82 14.67 16.69
CA MET C 28 3.87 15.45 15.92
C MET C 28 4.03 16.92 16.20
N CYS C 29 4.12 17.69 15.13
CA CYS C 29 4.02 19.14 15.19
C CYS C 29 2.60 19.47 14.74
N ALA C 30 1.77 19.89 15.68
CA ALA C 30 0.37 20.17 15.39
C ALA C 30 0.01 21.54 15.96
N SER C 31 -1.22 21.97 15.69
CA SER C 31 -1.69 23.21 16.29
C SER C 31 -1.67 23.08 17.82
N PRO C 32 -1.62 24.20 18.55
CA PRO C 32 -1.61 24.09 20.01
C PRO C 32 -3.03 24.04 20.56
N ALA C 33 -3.80 25.10 20.37
CA ALA C 33 -5.20 25.10 20.72
C ALA C 33 -5.97 24.58 19.51
N SER C 34 -6.94 23.70 19.77
CA SER C 34 -7.63 22.89 18.76
C SER C 34 -8.25 21.67 19.40
N SER C 35 -9.46 21.36 19.02
CA SER C 35 -10.10 20.20 19.59
C SER C 35 -11.10 19.66 18.57
N PRO C 36 -10.69 18.73 17.72
CA PRO C 36 -9.38 18.05 17.65
C PRO C 36 -8.22 18.93 17.22
N ASN C 37 -7.03 18.41 17.45
CA ASN C 37 -5.79 19.14 17.19
C ASN C 37 -5.26 18.74 15.82
N VAL C 38 -5.19 19.69 14.92
CA VAL C 38 -4.86 19.38 13.54
C VAL C 38 -3.36 19.18 13.37
N ILE C 39 -2.95 18.18 12.57
CA ILE C 39 -1.56 17.78 12.41
C ILE C 39 -0.89 18.65 11.37
N TRP C 40 0.29 19.19 11.71
CA TRP C 40 1.09 19.96 10.77
C TRP C 40 2.38 19.26 10.38
N ALA C 41 2.84 18.30 11.15
CA ALA C 41 4.01 17.50 10.80
C ALA C 41 4.01 16.26 11.67
N ILE C 42 4.21 15.10 11.03
CA ILE C 42 4.30 13.83 11.71
C ILE C 42 5.60 13.17 11.31
N GLU C 43 6.21 12.49 12.27
CA GLU C 43 7.45 11.74 12.06
C GLU C 43 7.22 10.33 12.58
N LEU C 44 7.42 9.33 11.74
CA LEU C 44 7.31 7.95 12.20
C LEU C 44 8.67 7.46 12.65
N GLU C 45 8.72 6.81 13.80
CA GLU C 45 10.01 6.47 14.39
C GLU C 45 10.03 5.00 14.77
N ALA C 46 10.96 4.25 14.18
CA ALA C 46 11.12 2.86 14.60
C ALA C 46 11.65 2.77 16.02
N GLU C 47 12.56 3.66 16.39
CA GLU C 47 13.25 3.66 17.68
C GLU C 47 14.06 4.94 17.80
N GLY C 48 14.31 5.36 19.04
CA GLY C 48 14.16 4.63 20.29
C GLY C 48 15.57 4.39 20.76
N SER C 49 16.47 4.33 19.76
CA SER C 49 17.89 4.70 19.84
C SER C 49 18.09 5.84 20.83
N GLY C 50 17.78 7.04 20.36
CA GLY C 50 17.34 8.11 21.22
C GLY C 50 15.83 8.09 21.19
N SER C 51 15.24 7.93 22.35
CA SER C 51 13.81 8.15 22.46
C SER C 51 13.55 9.61 22.11
N GLY C 52 12.47 9.86 21.35
CA GLY C 52 11.96 11.20 21.15
C GLY C 52 12.27 11.73 19.76
N ALA C 53 11.80 12.95 19.52
CA ALA C 53 11.86 13.52 18.18
C ALA C 53 13.30 13.67 17.69
N SER C 54 13.44 13.71 16.37
CA SER C 54 14.75 13.95 15.76
C SER C 54 15.08 15.42 15.85
N GLN C 55 16.37 15.72 15.92
CA GLN C 55 16.80 17.10 16.01
C GLN C 55 16.24 17.90 14.86
N PHE C 56 16.40 17.40 13.64
CA PHE C 56 15.73 18.05 12.52
C PHE C 56 14.28 18.33 12.86
N PHE C 57 13.51 17.28 13.19
CA PHE C 57 12.09 17.49 13.44
C PHE C 57 11.86 18.59 14.46
N LYS C 58 12.70 18.66 15.50
CA LYS C 58 12.47 19.63 16.58
C LYS C 58 12.53 21.06 16.07
N ASP C 59 13.51 21.37 15.23
CA ASP C 59 13.77 22.75 14.87
C ASP C 59 12.74 23.31 13.90
N ASN C 60 12.14 22.46 13.07
CA ASN C 60 11.06 22.97 12.24
C ASN C 60 9.80 23.21 13.05
N CYS C 61 9.75 22.75 14.29
CA CYS C 61 8.55 22.88 15.11
C CYS C 61 8.64 24.01 16.14
N ASN C 62 9.86 24.37 16.55
CA ASN C 62 10.07 25.52 17.42
C ASN C 62 9.83 26.82 16.67
N ARG C 63 10.09 26.83 15.36
CA ARG C 63 9.96 28.05 14.57
C ARG C 63 8.51 28.43 14.30
N THR C 64 7.55 27.54 14.56
CA THR C 64 6.15 27.80 14.23
C THR C 64 5.29 27.86 15.49
N THR C 65 4.14 28.50 15.36
CA THR C 65 3.13 28.57 16.42
C THR C 65 2.50 27.20 16.66
N ALA C 66 3.32 26.15 16.76
CA ALA C 66 2.82 24.79 16.82
C ALA C 66 3.44 24.04 17.98
N SER C 67 2.69 23.04 18.43
CA SER C 67 3.09 22.19 19.54
C SER C 67 3.91 21.02 19.01
N LEU C 68 5.03 20.76 19.67
CA LEU C 68 5.77 19.51 19.43
C LEU C 68 5.27 18.47 20.43
N VAL C 69 4.80 17.33 19.91
CA VAL C 69 4.41 16.20 20.74
C VAL C 69 5.22 15.00 20.30
N GLU C 70 5.72 14.23 21.28
CA GLU C 70 6.88 13.36 21.11
C GLU C 70 6.55 11.97 21.64
N GLY C 71 6.73 10.96 20.81
CA GLY C 71 6.51 9.63 21.32
C GLY C 71 5.06 9.37 21.67
N VAL C 72 4.13 9.88 20.86
CA VAL C 72 2.72 9.52 20.93
C VAL C 72 2.51 8.13 20.34
N GLU C 73 1.87 7.22 21.09
CA GLU C 73 1.48 5.90 20.58
C GLU C 73 0.04 5.95 20.12
N LEU C 74 -0.17 5.87 18.81
CA LEU C 74 -1.52 6.00 18.24
C LEU C 74 -2.32 4.71 18.41
N THR C 75 -3.61 4.85 18.62
CA THR C 75 -4.41 3.71 19.03
C THR C 75 -5.63 3.47 18.16
N LYS C 76 -6.27 4.54 17.67
CA LYS C 76 -7.41 4.45 16.76
C LYS C 76 -7.08 5.15 15.45
N TYR C 77 -7.69 4.67 14.36
CA TYR C 77 -7.55 5.28 13.04
C TYR C 77 -8.95 5.48 12.46
N ILE C 78 -9.43 6.71 12.45
CA ILE C 78 -10.82 6.99 12.12
C ILE C 78 -10.86 7.58 10.73
N SER C 79 -11.40 6.83 9.77
CA SER C 79 -11.79 7.41 8.50
C SER C 79 -13.28 7.69 8.59
N ASP C 80 -13.63 8.95 8.50
CA ASP C 80 -14.97 9.40 8.71
C ASP C 80 -15.45 10.11 7.47
N ILE C 81 -16.60 9.72 6.95
CA ILE C 81 -17.25 10.57 5.97
C ILE C 81 -18.42 11.29 6.63
N ASN C 82 -18.23 11.83 7.84
CA ASN C 82 -19.38 12.39 8.54
C ASN C 82 -19.72 13.78 8.02
N ASN C 83 -20.99 14.15 8.13
CA ASN C 83 -21.43 15.46 7.65
C ASN C 83 -20.85 16.56 8.51
N ASN C 84 -21.03 16.47 9.82
CA ASN C 84 -20.34 17.37 10.74
C ASN C 84 -18.89 16.92 10.96
N THR C 85 -18.52 15.71 10.58
CA THR C 85 -17.18 15.20 10.92
C THR C 85 -16.62 14.49 9.68
N ASP C 86 -16.22 15.27 8.67
CA ASP C 86 -15.58 14.69 7.49
C ASP C 86 -14.07 14.90 7.52
N GLY C 87 -13.33 13.86 7.15
CA GLY C 87 -11.88 13.86 7.15
C GLY C 87 -11.36 12.57 7.74
N MET C 88 -10.06 12.56 8.06
CA MET C 88 -9.43 11.43 8.73
C MET C 88 -8.82 11.87 10.06
N TYR C 89 -8.81 10.94 11.01
CA TYR C 89 -8.37 11.22 12.38
C TYR C 89 -7.59 10.03 12.94
N VAL C 90 -6.70 10.32 13.89
CA VAL C 90 -6.08 9.32 14.74
C VAL C 90 -6.42 9.65 16.19
N VAL C 91 -6.23 8.66 17.08
CA VAL C 91 -6.37 8.87 18.52
C VAL C 91 -5.19 8.24 19.22
N SER C 92 -4.68 8.93 20.23
CA SER C 92 -3.53 8.51 21.01
C SER C 92 -3.99 7.76 22.25
N SER C 93 -3.08 6.98 22.82
CA SER C 93 -3.40 6.23 24.05
C SER C 93 -4.02 7.12 25.13
N THR C 94 -3.69 8.42 25.13
CA THR C 94 -4.20 9.38 26.11
C THR C 94 -5.56 9.95 25.73
N GLY C 95 -6.27 9.33 24.79
CA GLY C 95 -7.48 9.93 24.27
C GLY C 95 -7.29 11.25 23.54
N GLY C 96 -6.08 11.66 23.23
CA GLY C 96 -5.90 12.81 22.38
C GLY C 96 -6.45 12.55 20.99
N VAL C 97 -6.94 13.59 20.35
CA VAL C 97 -7.63 13.42 19.07
C VAL C 97 -7.09 14.45 18.07
N TRP C 98 -6.42 13.96 17.02
CA TRP C 98 -5.82 14.81 16.00
C TRP C 98 -6.50 14.65 14.66
N ARG C 99 -6.91 15.78 14.08
CA ARG C 99 -7.29 15.84 12.67
C ARG C 99 -6.03 15.76 11.83
N ILE C 100 -6.10 14.97 10.76
CA ILE C 100 -5.05 14.96 9.76
C ILE C 100 -5.46 15.91 8.66
N SER C 101 -4.61 16.92 8.41
CA SER C 101 -4.81 17.88 7.34
C SER C 101 -5.27 17.19 6.07
N ARG C 102 -6.10 17.87 5.31
CA ARG C 102 -6.32 17.48 3.93
C ARG C 102 -5.74 18.54 3.00
N ALA C 103 -5.66 18.16 1.73
CA ALA C 103 -5.12 18.98 0.65
C ALA C 103 -5.06 18.13 -0.64
N LYS D 1 5.99 17.53 -10.84
CA LYS D 1 4.54 17.40 -10.83
C LYS D 1 4.06 16.27 -11.78
N ASP D 2 4.84 15.97 -12.82
CA ASP D 2 4.33 15.25 -13.98
C ASP D 2 5.12 13.97 -14.27
N TYR D 3 4.58 13.20 -15.22
CA TYR D 3 5.09 11.87 -15.58
C TYR D 3 6.45 11.97 -16.29
N PRO D 4 7.33 10.93 -16.17
CA PRO D 4 7.22 9.66 -15.40
C PRO D 4 7.87 9.80 -14.04
N ASP D 5 8.42 10.98 -13.80
CA ASP D 5 9.25 11.22 -12.62
C ASP D 5 8.43 11.19 -11.34
N ASN D 6 7.13 11.51 -11.42
CA ASN D 6 6.24 11.30 -10.27
C ASN D 6 6.35 9.85 -9.78
N VAL D 7 6.48 8.90 -10.70
CA VAL D 7 6.54 7.49 -10.34
C VAL D 7 7.77 7.21 -9.47
N MET D 8 8.94 7.66 -9.91
CA MET D 8 10.16 7.33 -9.16
C MET D 8 10.17 8.01 -7.80
N THR D 9 9.86 9.31 -7.76
CA THR D 9 9.80 9.95 -6.46
C THR D 9 8.74 9.28 -5.60
N ALA D 10 7.67 8.82 -6.22
CA ALA D 10 6.65 8.07 -5.47
C ALA D 10 7.24 6.80 -4.88
N GLU D 11 8.06 6.08 -5.63
CA GLU D 11 8.70 4.87 -5.11
C GLU D 11 9.55 5.20 -3.90
N MET D 12 10.42 6.19 -4.07
CA MET D 12 11.25 6.67 -2.99
C MET D 12 10.45 6.79 -1.70
N ARG D 13 9.33 7.49 -1.75
CA ARG D 13 8.48 7.57 -0.57
C ARG D 13 8.00 6.19 -0.13
N LYS D 14 7.78 5.27 -1.08
CA LYS D 14 7.44 3.89 -0.73
C LYS D 14 8.68 3.10 -0.35
N ILE D 15 9.80 3.36 -1.02
CA ILE D 15 11.05 2.73 -0.61
C ILE D 15 11.49 3.27 0.75
N ALA D 16 11.38 4.59 0.94
CA ALA D 16 11.72 5.15 2.23
C ALA D 16 10.91 4.48 3.32
N MET D 17 9.59 4.46 3.13
CA MET D 17 8.73 3.89 4.15
C MET D 17 9.06 2.43 4.36
N ALA D 18 9.30 1.69 3.27
CA ALA D 18 9.72 0.31 3.39
C ALA D 18 10.99 0.21 4.21
N ALA D 19 11.88 1.19 4.10
CA ALA D 19 13.13 1.05 4.82
C ALA D 19 12.91 1.20 6.31
N VAL D 20 12.07 2.16 6.70
CA VAL D 20 11.90 2.46 8.12
C VAL D 20 11.04 1.41 8.78
N LEU D 21 9.94 1.02 8.13
CA LEU D 21 9.14 -0.03 8.75
C LEU D 21 9.88 -1.34 8.82
N SER D 22 11.11 -1.39 8.32
CA SER D 22 11.80 -2.64 8.10
C SER D 22 13.24 -2.63 8.57
N GLY D 23 13.88 -1.46 8.50
CA GLY D 23 15.29 -1.40 8.80
C GLY D 23 16.19 -2.18 7.85
N MET D 24 15.68 -2.63 6.72
CA MET D 24 16.57 -2.99 5.61
C MET D 24 17.31 -1.72 5.21
N ARG D 25 18.64 -1.74 5.29
CA ARG D 25 19.39 -0.51 5.02
C ARG D 25 19.13 -0.04 3.60
N VAL D 26 19.55 1.19 3.30
CA VAL D 26 19.46 1.69 1.94
C VAL D 26 20.82 2.20 1.46
N ASN D 27 20.89 2.43 0.16
CA ASN D 27 22.00 3.14 -0.48
C ASN D 27 21.40 4.40 -1.10
N MET D 28 22.14 5.50 -1.03
CA MET D 28 21.62 6.79 -1.45
C MET D 28 22.60 7.45 -2.42
N CYS D 29 22.02 8.19 -3.37
CA CYS D 29 22.74 9.10 -4.24
C CYS D 29 22.15 10.47 -3.95
N ALA D 30 22.93 11.35 -3.34
CA ALA D 30 22.38 12.56 -2.79
C ALA D 30 23.29 13.74 -3.11
N SER D 31 22.66 14.90 -3.30
CA SER D 31 23.35 16.10 -3.71
C SER D 31 23.58 16.98 -2.49
N PRO D 32 24.81 17.15 -1.99
CA PRO D 32 25.03 18.04 -0.83
C PRO D 32 24.80 19.50 -1.16
N ALA D 33 24.52 19.81 -2.43
CA ALA D 33 24.25 21.18 -2.85
C ALA D 33 23.06 21.77 -2.11
N SER D 34 22.40 20.95 -1.29
CA SER D 34 21.32 21.39 -0.41
C SER D 34 21.55 20.80 0.99
N SER D 35 20.67 21.18 1.92
CA SER D 35 20.75 20.66 3.28
C SER D 35 19.36 20.70 3.91
N PRO D 36 18.70 19.54 4.12
CA PRO D 36 19.17 18.16 3.88
C PRO D 36 19.58 17.89 2.42
N ASN D 37 20.60 17.05 2.22
CA ASN D 37 20.99 16.63 0.88
C ASN D 37 19.80 15.96 0.22
N VAL D 38 19.38 16.49 -0.92
CA VAL D 38 18.18 16.01 -1.59
C VAL D 38 18.43 14.63 -2.18
N ILE D 39 17.48 13.72 -2.00
CA ILE D 39 17.65 12.33 -2.43
C ILE D 39 17.33 12.23 -3.91
N TRP D 40 18.38 11.94 -4.70
CA TRP D 40 18.31 11.78 -6.15
C TRP D 40 18.16 10.33 -6.58
N ALA D 41 18.48 9.39 -5.69
CA ALA D 41 18.30 7.97 -5.97
C ALA D 41 18.53 7.22 -4.69
N ILE D 42 17.75 6.16 -4.48
CA ILE D 42 17.88 5.32 -3.31
C ILE D 42 17.82 3.87 -3.77
N GLU D 43 18.42 2.98 -2.97
CA GLU D 43 18.46 1.55 -3.27
C GLU D 43 18.07 0.81 -2.01
N LEU D 44 16.97 0.06 -2.08
CA LEU D 44 16.52 -0.74 -0.94
C LEU D 44 17.20 -2.10 -0.96
N GLU D 45 17.94 -2.41 0.09
CA GLU D 45 18.89 -3.51 0.09
C GLU D 45 18.47 -4.54 1.13
N ALA D 46 18.26 -5.77 0.67
CA ALA D 46 17.60 -6.79 1.48
C ALA D 46 18.62 -7.87 1.74
N GLU D 47 18.59 -9.01 1.04
CA GLU D 47 19.61 -10.03 1.15
C GLU D 47 20.95 -9.48 0.65
N GLY D 48 21.25 -8.23 1.01
CA GLY D 48 22.56 -7.66 0.76
C GLY D 48 23.65 -8.51 1.35
N SER D 49 23.41 -9.08 2.52
CA SER D 49 24.17 -10.23 3.04
C SER D 49 25.62 -9.84 3.32
N GLY D 50 25.75 -8.91 4.26
CA GLY D 50 27.01 -8.25 4.56
C GLY D 50 27.10 -6.85 4.02
N SER D 51 25.98 -6.27 3.58
CA SER D 51 25.86 -4.93 3.01
C SER D 51 26.64 -4.75 1.70
N GLY D 52 26.31 -3.67 0.97
CA GLY D 52 27.03 -3.34 -0.25
C GLY D 52 26.12 -2.89 -1.36
N ALA D 53 26.25 -1.64 -1.80
CA ALA D 53 25.49 -1.19 -2.95
C ALA D 53 25.81 -2.03 -4.18
N SER D 54 24.90 -2.00 -5.13
CA SER D 54 25.11 -2.74 -6.35
C SER D 54 25.97 -1.89 -7.27
N GLN D 55 27.00 -2.52 -7.83
CA GLN D 55 27.80 -1.93 -8.88
C GLN D 55 26.92 -1.09 -9.80
N PHE D 56 25.74 -1.59 -10.17
CA PHE D 56 24.88 -0.77 -11.01
C PHE D 56 24.48 0.52 -10.31
N PHE D 57 24.08 0.43 -9.04
CA PHE D 57 23.64 1.63 -8.34
C PHE D 57 24.78 2.62 -8.18
N LYS D 58 25.99 2.10 -7.98
CA LYS D 58 27.17 2.94 -7.81
C LYS D 58 27.43 3.75 -9.08
N ASP D 59 27.73 3.04 -10.18
CA ASP D 59 28.00 3.58 -11.52
C ASP D 59 27.09 4.75 -11.86
N ASN D 60 25.79 4.59 -11.60
CA ASN D 60 24.84 5.63 -11.97
C ASN D 60 25.16 6.96 -11.30
N CYS D 61 25.71 6.91 -10.09
CA CYS D 61 25.94 8.08 -9.25
C CYS D 61 27.27 8.76 -9.55
N ASN D 62 28.32 7.94 -9.70
CA ASN D 62 29.64 8.46 -9.95
C ASN D 62 29.68 9.31 -11.21
N ARG D 63 28.75 9.07 -12.13
CA ARG D 63 28.70 9.88 -13.33
C ARG D 63 27.90 11.17 -13.14
N THR D 64 27.27 11.38 -11.98
CA THR D 64 26.51 12.60 -11.69
C THR D 64 27.24 13.42 -10.64
N THR D 65 26.71 14.62 -10.38
CA THR D 65 27.28 15.50 -9.36
C THR D 65 26.91 15.11 -7.93
N ALA D 66 25.95 14.20 -7.74
CA ALA D 66 25.61 13.79 -6.38
C ALA D 66 26.76 13.04 -5.73
N SER D 67 26.45 12.34 -4.66
CA SER D 67 27.50 11.65 -3.92
C SER D 67 26.92 10.44 -3.21
N LEU D 68 27.58 9.31 -3.38
CA LEU D 68 27.03 8.03 -2.99
C LEU D 68 27.18 7.82 -1.49
N VAL D 69 26.10 7.31 -0.89
CA VAL D 69 26.03 7.03 0.55
C VAL D 69 25.59 5.59 0.72
N GLU D 70 26.28 4.84 1.58
CA GLU D 70 26.14 3.39 1.55
C GLU D 70 25.93 2.80 2.95
N GLY D 71 25.11 1.76 3.00
CA GLY D 71 24.94 0.92 4.19
C GLY D 71 24.10 1.53 5.29
N VAL D 72 23.18 2.47 4.95
CA VAL D 72 22.61 3.42 5.89
C VAL D 72 21.26 2.95 6.40
N GLU D 73 20.99 3.24 7.66
CA GLU D 73 19.76 2.89 8.35
C GLU D 73 18.75 4.03 8.34
N LEU D 74 17.51 3.75 8.01
CA LEU D 74 16.47 4.75 8.15
C LEU D 74 15.65 4.40 9.37
N THR D 75 15.55 5.34 10.32
CA THR D 75 14.74 5.11 11.52
C THR D 75 13.60 6.08 11.67
N LYS D 76 13.61 7.20 10.96
CA LYS D 76 12.51 8.14 11.05
C LYS D 76 12.04 8.56 9.67
N TYR D 77 10.72 8.55 9.48
CA TYR D 77 10.06 9.02 8.27
C TYR D 77 9.24 10.25 8.65
N ILE D 78 9.44 11.36 7.94
CA ILE D 78 8.77 12.63 8.26
C ILE D 78 7.96 13.12 7.06
N SER D 79 6.69 13.49 7.31
CA SER D 79 5.91 14.31 6.39
C SER D 79 5.57 15.64 7.03
N ASP D 80 5.79 16.73 6.30
CA ASP D 80 5.71 18.06 6.87
C ASP D 80 5.08 19.01 5.88
N ILE D 81 4.13 19.82 6.35
CA ILE D 81 3.48 20.81 5.51
C ILE D 81 3.52 22.18 6.18
N ASN D 82 4.56 22.44 6.96
CA ASN D 82 4.80 23.77 7.47
C ASN D 82 5.38 24.64 6.37
N ASN D 83 4.95 25.91 6.33
CA ASN D 83 5.17 26.73 5.14
C ASN D 83 6.63 26.77 4.73
N ASN D 84 7.54 26.90 5.69
CA ASN D 84 8.96 26.94 5.36
C ASN D 84 9.59 25.56 5.44
N THR D 85 8.82 24.54 5.81
CA THR D 85 9.35 23.18 5.87
C THR D 85 8.34 22.21 5.24
N ASP D 86 7.89 22.54 4.04
CA ASP D 86 7.11 21.60 3.25
C ASP D 86 8.06 20.61 2.61
N GLY D 87 7.81 19.33 2.83
CA GLY D 87 8.57 18.30 2.15
C GLY D 87 8.53 17.00 2.90
N MET D 88 9.23 16.02 2.32
CA MET D 88 9.35 14.68 2.88
C MET D 88 10.78 14.48 3.34
N TYR D 89 10.95 13.81 4.47
CA TYR D 89 12.28 13.66 5.07
C TYR D 89 12.43 12.27 5.66
N VAL D 90 13.68 11.78 5.63
CA VAL D 90 14.05 10.54 6.29
C VAL D 90 15.29 10.81 7.11
N VAL D 91 15.39 10.09 8.22
CA VAL D 91 16.46 10.26 9.19
C VAL D 91 17.08 8.90 9.47
N SER D 92 18.40 8.90 9.71
CA SER D 92 19.13 7.68 10.02
C SER D 92 19.34 7.50 11.53
N SER D 93 20.02 6.40 11.88
CA SER D 93 20.44 6.19 13.27
C SER D 93 21.60 7.10 13.66
N THR D 94 22.37 7.58 12.69
CA THR D 94 23.45 8.53 12.89
C THR D 94 22.96 9.97 12.87
N GLY D 95 21.67 10.20 13.09
CA GLY D 95 21.07 11.52 13.08
C GLY D 95 20.96 12.19 11.72
N GLY D 96 21.53 11.60 10.66
CA GLY D 96 21.56 12.29 9.38
C GLY D 96 20.18 12.50 8.79
N VAL D 97 20.03 13.57 8.03
CA VAL D 97 18.72 13.97 7.53
C VAL D 97 18.85 14.21 6.04
N TRP D 98 17.95 13.59 5.26
CA TRP D 98 17.91 13.79 3.82
C TRP D 98 16.51 14.20 3.40
N ARG D 99 16.44 15.01 2.37
CA ARG D 99 15.17 15.39 1.77
C ARG D 99 14.91 14.51 0.57
N ILE D 100 13.65 14.18 0.38
CA ILE D 100 13.18 13.37 -0.71
C ILE D 100 12.65 14.33 -1.75
N SER D 101 13.14 14.22 -2.98
CA SER D 101 12.65 15.11 -4.02
C SER D 101 11.14 14.97 -4.16
N ARG D 102 10.51 16.01 -4.71
CA ARG D 102 9.08 15.93 -4.97
C ARG D 102 8.79 16.01 -6.47
N ALA D 103 7.69 15.38 -6.88
CA ALA D 103 7.36 15.27 -8.30
C ALA D 103 5.85 15.13 -8.53
N LYS E 1 2.05 6.19 -20.54
CA LYS E 1 1.42 7.27 -19.78
C LYS E 1 0.01 6.94 -19.36
N ASP E 2 -0.56 5.93 -20.01
CA ASP E 2 -2.00 5.81 -20.13
C ASP E 2 -2.51 4.44 -19.67
N TYR E 3 -3.78 4.43 -19.29
CA TYR E 3 -4.51 3.20 -19.03
C TYR E 3 -4.55 2.33 -20.29
N PRO E 4 -4.61 1.00 -20.15
CA PRO E 4 -4.56 0.23 -18.89
C PRO E 4 -3.11 0.02 -18.41
N ASP E 5 -2.13 0.22 -19.30
CA ASP E 5 -0.74 -0.14 -19.01
C ASP E 5 -0.24 0.47 -17.70
N ASN E 6 -0.72 1.67 -17.36
CA ASN E 6 -0.35 2.28 -16.09
C ASN E 6 -0.69 1.37 -14.92
N VAL E 7 -1.85 0.70 -14.98
CA VAL E 7 -2.25 -0.21 -13.92
C VAL E 7 -1.29 -1.39 -13.84
N MET E 8 -0.85 -1.90 -15.00
CA MET E 8 0.02 -3.08 -15.03
C MET E 8 1.38 -2.73 -14.45
N THR E 9 2.04 -1.72 -15.01
CA THR E 9 3.36 -1.35 -14.54
C THR E 9 3.33 -1.02 -13.05
N ALA E 10 2.30 -0.29 -12.61
CA ALA E 10 2.15 -0.05 -11.20
C ALA E 10 2.26 -1.38 -10.45
N GLU E 11 1.47 -2.35 -10.88
CA GLU E 11 1.52 -3.68 -10.29
C GLU E 11 2.90 -4.28 -10.39
N MET E 12 3.56 -4.11 -11.54
CA MET E 12 4.92 -4.58 -11.68
C MET E 12 5.77 -4.10 -10.52
N ARG E 13 5.62 -2.81 -10.18
CA ARG E 13 6.39 -2.22 -9.10
C ARG E 13 5.99 -2.80 -7.75
N LYS E 14 4.70 -2.91 -7.48
CA LYS E 14 4.28 -3.58 -6.25
C LYS E 14 4.92 -4.94 -6.17
N ILE E 15 4.91 -5.68 -7.26
CA ILE E 15 5.50 -7.01 -7.26
C ILE E 15 6.99 -6.92 -6.97
N ALA E 16 7.69 -6.03 -7.69
CA ALA E 16 9.07 -5.67 -7.40
C ALA E 16 9.34 -5.47 -5.91
N MET E 17 8.76 -4.41 -5.33
CA MET E 17 8.92 -4.19 -3.90
C MET E 17 8.51 -5.41 -3.08
N ALA E 18 7.50 -6.19 -3.52
CA ALA E 18 7.07 -7.35 -2.75
C ALA E 18 8.13 -8.43 -2.71
N ALA E 19 8.80 -8.67 -3.83
CA ALA E 19 9.81 -9.72 -3.86
C ALA E 19 11.05 -9.34 -3.07
N VAL E 20 11.43 -8.06 -3.09
CA VAL E 20 12.61 -7.61 -2.35
C VAL E 20 12.41 -7.87 -0.85
N LEU E 21 11.29 -7.43 -0.30
CA LEU E 21 11.13 -7.47 1.15
C LEU E 21 10.89 -8.88 1.69
N SER E 22 10.29 -9.76 0.89
CA SER E 22 9.84 -11.06 1.38
C SER E 22 10.79 -12.19 1.08
N GLY E 23 11.74 -11.99 0.16
CA GLY E 23 12.52 -13.06 -0.37
C GLY E 23 11.91 -13.69 -1.61
N MET E 24 10.56 -13.73 -1.67
CA MET E 24 9.85 -14.47 -2.70
C MET E 24 10.41 -14.18 -4.07
N ARG E 25 10.65 -15.22 -4.84
CA ARG E 25 11.30 -14.93 -6.09
C ARG E 25 10.29 -14.69 -7.19
N VAL E 26 10.78 -14.16 -8.31
CA VAL E 26 9.93 -13.87 -9.45
C VAL E 26 10.46 -14.58 -10.68
N ASN E 27 9.61 -14.60 -11.71
CA ASN E 27 9.95 -14.97 -13.08
C ASN E 27 9.70 -13.75 -13.97
N MET E 28 10.59 -13.49 -14.91
CA MET E 28 10.46 -12.30 -15.74
C MET E 28 10.43 -12.66 -17.21
N CYS E 29 9.61 -11.91 -17.95
CA CYS E 29 9.62 -11.93 -19.41
C CYS E 29 10.38 -10.67 -19.80
N ALA E 30 11.62 -10.85 -20.27
CA ALA E 30 12.61 -9.78 -20.27
C ALA E 30 13.13 -9.48 -21.67
N SER E 31 13.28 -8.19 -21.97
CA SER E 31 13.88 -7.69 -23.20
C SER E 31 15.39 -7.67 -23.07
N PRO E 32 16.15 -8.56 -23.71
CA PRO E 32 17.58 -8.25 -23.82
C PRO E 32 17.82 -7.11 -24.79
N ALA E 33 16.77 -6.59 -25.43
CA ALA E 33 16.88 -5.57 -26.47
C ALA E 33 17.34 -4.22 -25.95
N SER E 34 17.21 -3.97 -24.64
CA SER E 34 17.86 -2.82 -24.02
C SER E 34 18.79 -3.34 -22.94
N SER E 35 19.58 -2.41 -22.39
CA SER E 35 20.44 -2.69 -21.25
C SER E 35 20.20 -1.60 -20.22
N PRO E 36 19.81 -1.95 -18.99
CA PRO E 36 19.54 -3.30 -18.50
C PRO E 36 18.29 -3.79 -19.18
N ASN E 37 18.05 -5.09 -19.15
CA ASN E 37 16.90 -5.65 -19.82
C ASN E 37 15.61 -5.09 -19.24
N VAL E 38 14.73 -4.62 -20.12
CA VAL E 38 13.44 -4.11 -19.70
C VAL E 38 12.50 -5.26 -19.37
N ILE E 39 11.74 -5.13 -18.27
CA ILE E 39 10.82 -6.17 -17.86
C ILE E 39 9.50 -6.02 -18.57
N TRP E 40 9.11 -7.07 -19.30
CA TRP E 40 7.81 -7.05 -19.97
C TRP E 40 6.75 -7.82 -19.22
N ALA E 41 7.13 -8.82 -18.44
CA ALA E 41 6.13 -9.41 -17.55
C ALA E 41 6.84 -9.98 -16.34
N ILE E 42 6.13 -9.95 -15.21
CA ILE E 42 6.64 -10.54 -13.98
C ILE E 42 5.58 -11.40 -13.32
N GLU E 43 5.94 -12.64 -13.05
CA GLU E 43 5.20 -13.55 -12.20
C GLU E 43 5.81 -13.53 -10.80
N LEU E 44 4.95 -13.51 -9.78
CA LEU E 44 5.38 -13.49 -8.39
C LEU E 44 4.93 -14.78 -7.72
N GLU E 45 5.88 -15.57 -7.25
CA GLU E 45 5.57 -16.89 -6.71
C GLU E 45 5.69 -16.93 -5.20
N ALA E 46 4.71 -17.59 -4.56
CA ALA E 46 4.86 -18.11 -3.21
C ALA E 46 5.03 -19.63 -3.22
N GLU E 47 4.05 -20.33 -3.77
CA GLU E 47 4.11 -21.72 -4.25
C GLU E 47 4.83 -22.58 -3.21
N GLY E 48 5.93 -23.22 -3.57
CA GLY E 48 6.42 -24.39 -2.92
C GLY E 48 7.79 -24.79 -3.40
N SER E 49 7.93 -26.01 -3.94
CA SER E 49 9.25 -26.60 -4.21
C SER E 49 9.50 -26.58 -5.71
N GLY E 50 9.82 -25.38 -6.19
CA GLY E 50 9.43 -24.85 -7.48
C GLY E 50 9.99 -25.32 -8.80
N SER E 51 9.62 -26.54 -9.14
CA SER E 51 8.78 -26.70 -10.31
C SER E 51 9.06 -25.61 -11.33
N GLY E 52 8.54 -24.41 -11.06
CA GLY E 52 8.97 -23.20 -11.72
C GLY E 52 7.85 -22.23 -12.05
N ALA E 53 8.06 -21.49 -13.13
CA ALA E 53 7.07 -20.55 -13.62
C ALA E 53 5.77 -21.28 -13.92
N SER E 54 4.67 -20.55 -13.79
CA SER E 54 3.40 -21.12 -14.19
C SER E 54 3.39 -21.26 -15.69
N GLN E 55 2.85 -22.40 -16.16
CA GLN E 55 2.77 -22.66 -17.60
C GLN E 55 2.14 -21.50 -18.35
N PHE E 56 1.20 -20.81 -17.73
CA PHE E 56 0.60 -19.68 -18.44
C PHE E 56 1.63 -18.59 -18.67
N PHE E 57 2.48 -18.35 -17.67
CA PHE E 57 3.52 -17.33 -17.78
C PHE E 57 4.52 -17.67 -18.87
N LYS E 58 4.90 -18.94 -18.98
CA LYS E 58 5.82 -19.35 -20.04
C LYS E 58 5.18 -19.19 -21.43
N ASP E 59 3.90 -19.55 -21.57
CA ASP E 59 3.31 -19.50 -22.90
C ASP E 59 3.23 -18.08 -23.41
N ASN E 60 2.89 -17.12 -22.55
CA ASN E 60 2.87 -15.74 -23.02
C ASN E 60 4.27 -15.28 -23.40
N CYS E 61 5.28 -15.71 -22.65
CA CYS E 61 6.64 -15.25 -22.90
C CYS E 61 7.17 -15.78 -24.22
N ASN E 62 6.96 -17.06 -24.49
CA ASN E 62 7.52 -17.70 -25.67
C ASN E 62 6.80 -17.31 -26.94
N ARG E 63 5.68 -16.60 -26.83
CA ARG E 63 5.09 -15.93 -27.99
C ARG E 63 5.70 -14.57 -28.23
N THR E 64 6.85 -14.27 -27.62
CA THR E 64 7.48 -12.96 -27.72
C THR E 64 8.98 -13.08 -27.84
N THR E 65 9.58 -12.08 -28.50
CA THR E 65 11.03 -11.93 -28.58
C THR E 65 11.70 -12.12 -27.22
N ALA E 66 11.01 -11.75 -26.14
CA ALA E 66 11.57 -11.75 -24.80
C ALA E 66 12.19 -13.08 -24.43
N SER E 67 13.21 -13.01 -23.59
CA SER E 67 13.78 -14.19 -22.94
C SER E 67 13.08 -14.42 -21.61
N LEU E 68 12.87 -15.68 -21.28
CA LEU E 68 12.35 -16.04 -19.97
C LEU E 68 13.48 -16.13 -18.96
N VAL E 69 13.23 -15.62 -17.77
CA VAL E 69 14.16 -15.80 -16.67
C VAL E 69 13.34 -16.09 -15.42
N GLU E 70 13.72 -17.16 -14.70
CA GLU E 70 12.84 -17.85 -13.76
C GLU E 70 13.48 -18.02 -12.39
N GLY E 71 12.66 -17.94 -11.35
CA GLY E 71 13.12 -18.19 -9.99
C GLY E 71 14.23 -17.28 -9.52
N VAL E 72 14.27 -16.04 -9.99
CA VAL E 72 15.33 -15.11 -9.59
C VAL E 72 15.04 -14.62 -8.18
N GLU E 73 16.09 -14.41 -7.38
CA GLU E 73 15.95 -13.85 -6.03
C GLU E 73 16.31 -12.37 -6.06
N LEU E 74 15.29 -11.52 -5.98
CA LEU E 74 15.53 -10.09 -6.09
C LEU E 74 16.04 -9.55 -4.76
N THR E 75 17.23 -8.96 -4.75
CA THR E 75 17.76 -8.41 -3.50
C THR E 75 17.81 -6.90 -3.45
N LYS E 76 17.92 -6.20 -4.57
CA LYS E 76 17.97 -4.75 -4.51
C LYS E 76 16.85 -4.17 -5.36
N TYR E 77 16.34 -3.03 -4.93
CA TYR E 77 15.26 -2.34 -5.62
C TYR E 77 15.54 -0.85 -5.62
N ILE E 78 15.56 -0.25 -6.83
CA ILE E 78 16.05 1.12 -7.02
C ILE E 78 14.94 2.04 -7.53
N SER E 79 14.92 3.27 -7.04
CA SER E 79 14.35 4.38 -7.79
C SER E 79 15.43 5.46 -8.01
N ASP E 80 15.52 5.97 -9.24
CA ASP E 80 16.61 6.80 -9.73
C ASP E 80 16.04 7.85 -10.69
N ILE E 81 16.47 9.11 -10.54
CA ILE E 81 15.88 10.19 -11.32
C ILE E 81 16.97 11.10 -11.89
N ASN E 82 18.23 10.71 -11.68
CA ASN E 82 19.32 11.21 -12.50
C ASN E 82 18.90 11.15 -13.97
N ASN E 83 19.37 12.12 -14.75
CA ASN E 83 18.81 12.32 -16.08
C ASN E 83 19.22 11.25 -17.10
N ASN E 84 20.10 10.29 -16.76
CA ASN E 84 20.38 9.17 -17.65
C ASN E 84 20.00 7.80 -17.09
N THR E 85 19.90 7.65 -15.77
CA THR E 85 19.32 6.45 -15.16
C THR E 85 17.87 6.67 -14.73
N ASP E 86 17.14 7.47 -15.50
CA ASP E 86 15.74 7.80 -15.23
C ASP E 86 14.82 6.58 -15.22
N GLY E 87 14.73 5.83 -14.12
CA GLY E 87 13.75 4.78 -14.05
C GLY E 87 13.89 3.85 -12.85
N MET E 88 13.24 2.68 -12.97
CA MET E 88 13.12 1.72 -11.88
C MET E 88 13.92 0.47 -12.20
N TYR E 89 14.50 -0.12 -11.18
CA TYR E 89 15.42 -1.22 -11.41
C TYR E 89 15.43 -2.16 -10.23
N VAL E 90 15.22 -3.41 -10.51
CA VAL E 90 15.39 -4.46 -9.53
C VAL E 90 16.76 -5.05 -9.74
N VAL E 91 17.37 -5.56 -8.69
CA VAL E 91 18.66 -6.20 -8.85
C VAL E 91 18.59 -7.58 -8.25
N SER E 92 18.94 -8.57 -9.05
CA SER E 92 18.98 -9.94 -8.61
C SER E 92 20.26 -10.22 -7.84
N SER E 93 20.16 -11.15 -6.90
CA SER E 93 21.29 -11.63 -6.12
C SER E 93 22.48 -12.11 -6.96
N THR E 94 22.36 -12.14 -8.29
CA THR E 94 23.44 -12.57 -9.18
C THR E 94 24.13 -11.39 -9.85
N GLY E 95 23.69 -10.18 -9.56
CA GLY E 95 24.21 -9.00 -10.19
C GLY E 95 23.20 -8.37 -11.11
N GLY E 96 22.47 -9.23 -11.84
CA GLY E 96 21.52 -8.82 -12.87
C GLY E 96 20.71 -7.57 -12.60
N VAL E 97 20.56 -6.75 -13.62
CA VAL E 97 19.84 -5.48 -13.49
C VAL E 97 18.70 -5.51 -14.47
N TRP E 98 17.51 -5.12 -14.00
CA TRP E 98 16.33 -5.08 -14.85
C TRP E 98 15.57 -3.80 -14.60
N ARG E 99 15.37 -3.04 -15.67
CA ARG E 99 14.47 -1.90 -15.66
C ARG E 99 13.04 -2.37 -15.46
N ILE E 100 12.24 -1.55 -14.79
CA ILE E 100 10.81 -1.79 -14.68
C ILE E 100 10.13 -0.82 -15.62
N SER E 101 9.42 -1.36 -16.60
CA SER E 101 8.82 -0.55 -17.63
C SER E 101 7.87 0.47 -17.02
N ARG E 102 7.49 1.45 -17.84
CA ARG E 102 6.64 2.56 -17.46
C ARG E 102 5.63 2.78 -18.58
N ALA E 103 4.45 3.25 -18.21
CA ALA E 103 3.38 3.51 -19.19
C ALA E 103 2.14 4.14 -18.57
#